data_1XS5
#
_entry.id   1XS5
#
_cell.length_a   96.248
_cell.length_b   46.404
_cell.length_c   55.217
_cell.angle_alpha   90.00
_cell.angle_beta   90.00
_cell.angle_gamma   90.00
#
_symmetry.space_group_name_H-M   'P 21 21 2'
#
loop_
_entity.id
_entity.type
_entity.pdbx_description
1 polymer 'Membrane lipoprotein TpN32'
2 non-polymer METHIONINE
3 water water
#
_entity_poly.entity_id   1
_entity_poly.type   'polypeptide(L)'
_entity_poly.pdbx_seq_one_letter_code
;KDETVGVGVLSEPHARLLEIAKEEVKKQHIELRIVEFTNYVALNEAVMRGDILMNFFQHVPHMQQFNQEHNGDLVSVGNV
HVEPLALYSRTYRHVSDFPAGAVIAIPNDSSNEARALRLLEAAGFIRMRAGSGLFATVEDVQQNVRNVVLQEVESALLPR
VFDQVDGAVINGNYAIMAGLSARRDGLAVEPDASAYANVLVVKRGNEADARVQAVLRALCGGRVRTYLKERYKGGEVAPA
L
;
_entity_poly.pdbx_strand_id   A
#
# COMPACT_ATOMS: atom_id res chain seq x y z
N LYS A 1 29.54 5.27 16.98
CA LYS A 1 30.46 4.48 16.11
C LYS A 1 29.73 3.59 15.07
N ASP A 2 28.55 3.08 15.40
CA ASP A 2 27.84 2.23 14.41
C ASP A 2 27.52 2.99 13.12
N GLU A 3 27.72 2.36 11.97
CA GLU A 3 27.43 3.04 10.71
C GLU A 3 25.92 3.20 10.66
N THR A 4 25.45 4.24 9.98
CA THR A 4 24.01 4.49 9.87
C THR A 4 23.51 4.30 8.44
N VAL A 5 22.31 3.72 8.28
CA VAL A 5 21.67 3.61 6.97
C VAL A 5 20.24 4.16 7.11
N GLY A 6 19.81 4.97 6.16
CA GLY A 6 18.48 5.55 6.25
C GLY A 6 17.46 4.72 5.51
N VAL A 7 16.26 4.57 6.08
CA VAL A 7 15.18 3.84 5.41
C VAL A 7 13.99 4.80 5.44
N GLY A 8 13.47 5.15 4.27
CA GLY A 8 12.32 6.05 4.18
C GLY A 8 11.01 5.33 4.50
N VAL A 9 10.14 5.99 5.27
CA VAL A 9 8.82 5.39 5.61
C VAL A 9 7.79 6.51 5.46
N LEU A 10 6.52 6.12 5.25
CA LEU A 10 5.40 7.02 5.09
C LEU A 10 4.50 7.06 6.31
N SER A 11 4.22 5.89 6.88
CA SER A 11 3.28 5.83 8.01
C SER A 11 3.20 4.44 8.63
N GLU A 12 2.24 4.29 9.53
CA GLU A 12 1.99 3.00 10.13
C GLU A 12 1.34 2.23 8.98
N PRO A 13 1.45 0.89 8.98
CA PRO A 13 2.13 0.06 9.98
C PRO A 13 3.63 -0.13 9.73
N HIS A 14 4.11 0.35 8.59
CA HIS A 14 5.51 0.17 8.23
C HIS A 14 6.45 0.77 9.26
N ALA A 15 6.04 1.89 9.84
CA ALA A 15 6.92 2.55 10.84
C ALA A 15 7.18 1.67 12.04
N ARG A 16 6.13 1.08 12.62
CA ARG A 16 6.35 0.20 13.75
C ARG A 16 7.24 -1.01 13.36
N LEU A 17 7.03 -1.56 12.17
N LEU A 17 7.03 -1.58 12.17
CA LEU A 17 7.81 -2.71 11.71
CA LEU A 17 7.86 -2.72 11.77
C LEU A 17 9.30 -2.31 11.55
C LEU A 17 9.32 -2.30 11.62
N LEU A 18 9.55 -1.08 11.13
CA LEU A 18 10.94 -0.62 10.99
C LEU A 18 11.58 -0.40 12.38
N GLU A 19 10.77 -0.06 13.36
CA GLU A 19 11.26 0.13 14.73
C GLU A 19 11.67 -1.22 15.33
N ILE A 20 10.97 -2.27 14.95
CA ILE A 20 11.31 -3.60 15.45
C ILE A 20 12.61 -4.00 14.77
N ALA A 21 12.69 -3.69 13.47
CA ALA A 21 13.87 -3.99 12.69
C ALA A 21 15.09 -3.23 13.18
N LYS A 22 14.86 -1.98 13.62
CA LYS A 22 15.95 -1.10 14.10
C LYS A 22 16.58 -1.76 15.33
N GLU A 23 15.75 -2.21 16.26
CA GLU A 23 16.31 -2.90 17.43
C GLU A 23 17.11 -4.13 17.04
N GLU A 24 16.58 -4.91 16.12
CA GLU A 24 17.26 -6.12 15.72
C GLU A 24 18.60 -5.95 15.03
N VAL A 25 18.71 -5.00 14.12
CA VAL A 25 19.96 -4.85 13.41
C VAL A 25 21.01 -4.11 14.24
N LYS A 26 20.55 -3.52 15.34
CA LYS A 26 21.45 -2.80 16.25
C LYS A 26 22.43 -3.89 16.76
N LYS A 27 21.93 -5.12 16.84
CA LYS A 27 22.77 -6.23 17.31
C LYS A 27 23.96 -6.50 16.39
N GLN A 28 23.87 -6.09 15.13
CA GLN A 28 24.97 -6.30 14.21
C GLN A 28 25.67 -4.97 14.06
N HIS A 29 25.40 -4.07 15.00
CA HIS A 29 26.01 -2.76 14.98
C HIS A 29 25.61 -1.94 13.77
N ILE A 30 24.32 -2.01 13.40
CA ILE A 30 23.83 -1.22 12.28
C ILE A 30 22.81 -0.30 12.91
N GLU A 31 22.97 0.99 12.65
CA GLU A 31 22.02 1.93 13.21
C GLU A 31 21.08 2.31 12.08
N LEU A 32 19.85 1.85 12.22
CA LEU A 32 18.83 2.09 11.21
C LEU A 32 18.19 3.42 11.57
N ARG A 33 18.31 4.39 10.65
CA ARG A 33 17.70 5.70 10.84
C ARG A 33 16.38 5.67 10.06
N ILE A 34 15.26 5.87 10.74
CA ILE A 34 13.94 5.83 10.10
C ILE A 34 13.60 7.27 9.72
N VAL A 35 13.50 7.49 8.43
CA VAL A 35 13.29 8.83 7.88
C VAL A 35 11.84 8.96 7.42
N GLU A 36 11.11 9.91 7.98
CA GLU A 36 9.69 10.07 7.67
C GLU A 36 9.37 11.07 6.56
N PHE A 37 8.64 10.59 5.55
CA PHE A 37 8.26 11.38 4.40
C PHE A 37 6.76 11.56 4.34
N THR A 38 6.27 12.43 3.45
CA THR A 38 4.85 12.67 3.34
C THR A 38 4.24 12.26 2.01
N ASN A 39 5.05 11.88 1.04
CA ASN A 39 4.42 11.48 -0.21
C ASN A 39 5.17 10.45 -0.96
N TYR A 40 4.43 9.73 -1.80
CA TYR A 40 5.00 8.62 -2.55
C TYR A 40 6.22 8.95 -3.45
N VAL A 41 6.11 10.03 -4.22
CA VAL A 41 7.18 10.38 -5.13
C VAL A 41 8.46 10.77 -4.41
N ALA A 42 8.32 11.56 -3.35
CA ALA A 42 9.50 11.98 -2.60
C ALA A 42 10.30 10.82 -2.03
N LEU A 43 9.59 9.78 -1.60
CA LEU A 43 10.26 8.62 -1.03
C LEU A 43 11.11 7.89 -2.07
N ASN A 44 10.56 7.72 -3.28
CA ASN A 44 11.34 7.03 -4.31
C ASN A 44 12.46 7.89 -4.89
N GLU A 45 12.20 9.19 -5.04
CA GLU A 45 13.24 10.07 -5.55
C GLU A 45 14.42 10.14 -4.54
N ALA A 46 14.14 10.02 -3.24
CA ALA A 46 15.23 10.12 -2.25
C ALA A 46 16.11 8.88 -2.35
N VAL A 47 15.50 7.73 -2.61
CA VAL A 47 16.33 6.52 -2.79
C VAL A 47 17.14 6.68 -4.12
N MET A 48 16.52 7.19 -5.18
CA MET A 48 17.25 7.36 -6.45
C MET A 48 18.43 8.33 -6.30
N ARG A 49 18.27 9.44 -5.55
CA ARG A 49 19.36 10.41 -5.35
C ARG A 49 20.41 9.87 -4.39
N GLY A 50 20.06 8.87 -3.59
CA GLY A 50 20.99 8.34 -2.61
C GLY A 50 20.93 8.98 -1.22
N ASP A 51 19.89 9.77 -0.94
CA ASP A 51 19.75 10.40 0.37
C ASP A 51 19.42 9.37 1.44
N ILE A 52 18.74 8.29 1.03
CA ILE A 52 18.44 7.17 1.91
C ILE A 52 18.83 5.87 1.12
N LEU A 53 19.14 4.80 1.83
CA LEU A 53 19.57 3.55 1.21
C LEU A 53 18.38 2.69 0.76
N MET A 54 17.27 2.83 1.48
CA MET A 54 16.10 2.03 1.11
C MET A 54 14.82 2.70 1.54
N ASN A 55 13.69 2.16 1.10
CA ASN A 55 12.44 2.68 1.58
C ASN A 55 11.49 1.55 1.75
N PHE A 56 10.47 1.79 2.57
CA PHE A 56 9.51 0.73 2.84
C PHE A 56 8.10 1.32 2.93
N PHE A 57 7.40 1.31 1.79
CA PHE A 57 6.03 1.87 1.80
C PHE A 57 5.14 1.46 0.63
N GLN A 58 5.69 0.74 -0.37
CA GLN A 58 4.93 0.46 -1.57
C GLN A 58 4.94 -0.99 -1.99
N HIS A 59 4.14 -1.30 -3.02
CA HIS A 59 4.15 -2.65 -3.59
C HIS A 59 4.88 -2.60 -4.96
N VAL A 60 5.14 -3.76 -5.58
CA VAL A 60 5.87 -3.74 -6.85
C VAL A 60 5.23 -2.96 -8.02
N PRO A 61 3.89 -3.08 -8.22
CA PRO A 61 3.27 -2.33 -9.33
C PRO A 61 3.51 -0.82 -9.15
N HIS A 62 3.50 -0.33 -7.92
CA HIS A 62 3.73 1.09 -7.68
C HIS A 62 5.18 1.47 -8.04
N MET A 63 6.13 0.65 -7.63
CA MET A 63 7.54 0.83 -7.90
C MET A 63 7.77 0.83 -9.42
N GLN A 64 7.13 -0.12 -10.10
CA GLN A 64 7.24 -0.22 -11.57
C GLN A 64 6.71 1.03 -12.22
N GLN A 65 5.57 1.51 -11.75
CA GLN A 65 5.00 2.73 -12.29
C GLN A 65 6.04 3.85 -12.12
N PHE A 66 6.63 3.96 -10.92
CA PHE A 66 7.63 5.03 -10.71
C PHE A 66 8.81 4.88 -11.66
N ASN A 67 9.36 3.67 -11.80
CA ASN A 67 10.48 3.46 -12.71
C ASN A 67 10.15 3.91 -14.15
N GLN A 68 8.95 3.59 -14.63
CA GLN A 68 8.55 4.00 -15.96
C GLN A 68 8.36 5.51 -16.13
N GLU A 69 7.67 6.12 -15.17
CA GLU A 69 7.37 7.53 -15.27
C GLU A 69 8.51 8.47 -14.94
N HIS A 70 9.37 8.07 -14.00
CA HIS A 70 10.47 8.94 -13.57
C HIS A 70 11.85 8.42 -13.92
N ASN A 71 11.92 7.54 -14.91
CA ASN A 71 13.21 6.98 -15.34
C ASN A 71 13.97 6.44 -14.15
N GLY A 72 13.28 5.70 -13.30
CA GLY A 72 13.93 5.15 -12.13
C GLY A 72 14.56 3.79 -12.38
N ASP A 73 15.41 3.41 -11.44
CA ASP A 73 16.13 2.14 -11.44
C ASP A 73 15.97 1.40 -10.07
N LEU A 74 14.77 1.49 -9.49
CA LEU A 74 14.49 0.84 -8.20
C LEU A 74 14.17 -0.64 -8.38
N VAL A 75 14.50 -1.44 -7.37
CA VAL A 75 14.22 -2.88 -7.36
C VAL A 75 13.79 -3.29 -5.98
N SER A 76 12.96 -4.32 -5.92
CA SER A 76 12.52 -4.88 -4.65
C SER A 76 13.53 -5.91 -4.19
N VAL A 77 13.86 -5.94 -2.91
CA VAL A 77 14.78 -6.97 -2.42
C VAL A 77 14.00 -8.04 -1.67
N GLY A 78 12.69 -7.86 -1.55
CA GLY A 78 11.87 -8.82 -0.88
C GLY A 78 10.47 -8.40 -0.45
N ASN A 79 9.53 -9.34 -0.51
CA ASN A 79 8.17 -9.09 -0.05
C ASN A 79 8.18 -9.20 1.46
N VAL A 80 7.48 -8.29 2.12
CA VAL A 80 7.41 -8.25 3.56
C VAL A 80 6.00 -8.55 4.11
N HIS A 81 4.98 -7.87 3.61
CA HIS A 81 3.64 -8.08 4.12
C HIS A 81 2.60 -7.71 3.08
N VAL A 82 1.34 -8.10 3.35
CA VAL A 82 0.20 -7.80 2.48
C VAL A 82 -0.80 -6.98 3.30
N GLU A 83 -1.42 -5.96 2.70
CA GLU A 83 -2.40 -5.09 3.39
C GLU A 83 -3.61 -5.13 2.45
N PRO A 84 -4.60 -5.99 2.72
CA PRO A 84 -5.75 -6.03 1.81
C PRO A 84 -6.47 -4.71 1.63
N LEU A 85 -6.76 -4.43 0.36
CA LEU A 85 -7.50 -3.22 -0.04
C LEU A 85 -8.99 -3.56 0.10
N ALA A 86 -9.78 -2.64 0.64
CA ALA A 86 -11.22 -2.88 0.81
C ALA A 86 -12.07 -1.64 0.50
N LEU A 87 -13.34 -1.89 0.20
CA LEU A 87 -14.34 -0.85 -0.01
C LEU A 87 -14.98 -0.68 1.37
N TYR A 88 -15.06 0.55 1.85
CA TYR A 88 -15.65 0.88 3.15
C TYR A 88 -16.79 1.85 2.88
N SER A 89 -17.71 1.98 3.83
CA SER A 89 -18.81 2.93 3.66
C SER A 89 -19.17 3.59 4.99
N ARG A 90 -19.50 4.87 4.95
CA ARG A 90 -19.81 5.61 6.17
C ARG A 90 -21.14 5.16 6.70
N THR A 91 -21.97 4.59 5.83
CA THR A 91 -23.29 4.19 6.26
C THR A 91 -23.79 2.81 5.81
N TYR A 92 -23.55 2.47 4.54
CA TYR A 92 -24.01 1.19 4.04
C TYR A 92 -23.26 0.04 4.69
N ARG A 93 -23.99 -1.05 4.95
CA ARG A 93 -23.40 -2.23 5.60
C ARG A 93 -23.29 -3.44 4.65
N HIS A 94 -23.72 -3.25 3.42
CA HIS A 94 -23.69 -4.32 2.45
C HIS A 94 -23.51 -3.74 1.09
N VAL A 95 -22.67 -4.42 0.34
CA VAL A 95 -22.36 -4.03 -0.99
C VAL A 95 -23.63 -3.83 -1.85
N SER A 96 -24.69 -4.58 -1.60
CA SER A 96 -25.90 -4.40 -2.41
C SER A 96 -26.76 -3.23 -1.96
N ASP A 97 -26.39 -2.59 -0.86
CA ASP A 97 -27.10 -1.44 -0.31
C ASP A 97 -26.86 -0.19 -1.19
N PHE A 98 -25.75 -0.13 -1.93
CA PHE A 98 -25.44 1.05 -2.73
C PHE A 98 -26.45 1.37 -3.82
N PRO A 99 -27.09 2.54 -3.73
CA PRO A 99 -28.08 2.96 -4.71
C PRO A 99 -27.42 3.38 -6.00
N ALA A 100 -28.20 3.43 -7.08
CA ALA A 100 -27.68 3.89 -8.36
C ALA A 100 -27.22 5.30 -8.08
N GLY A 101 -26.19 5.75 -8.81
CA GLY A 101 -25.69 7.08 -8.56
C GLY A 101 -24.78 7.23 -7.35
N ALA A 102 -24.62 6.19 -6.51
CA ALA A 102 -23.75 6.30 -5.33
C ALA A 102 -22.35 6.83 -5.69
N VAL A 103 -21.75 7.64 -4.81
CA VAL A 103 -20.40 8.19 -5.11
C VAL A 103 -19.30 7.36 -4.39
N ILE A 104 -18.39 6.77 -5.15
CA ILE A 104 -17.31 5.97 -4.54
C ILE A 104 -15.95 6.59 -4.87
N ALA A 105 -15.19 6.94 -3.83
CA ALA A 105 -13.89 7.56 -3.99
C ALA A 105 -12.82 6.47 -4.04
N ILE A 106 -11.84 6.63 -4.93
CA ILE A 106 -10.76 5.68 -5.05
C ILE A 106 -9.41 6.39 -5.16
N PRO A 107 -8.30 5.64 -5.01
CA PRO A 107 -6.99 6.26 -5.11
C PRO A 107 -6.77 6.88 -6.48
N ASN A 108 -5.97 7.94 -6.51
CA ASN A 108 -5.69 8.60 -7.80
C ASN A 108 -4.30 8.33 -8.37
N ASP A 109 -3.50 7.46 -7.73
CA ASP A 109 -2.20 7.14 -8.34
C ASP A 109 -2.51 5.86 -9.13
N SER A 110 -2.08 5.83 -10.39
CA SER A 110 -2.49 4.76 -11.31
C SER A 110 -2.39 3.29 -10.89
N SER A 111 -1.32 2.86 -10.25
CA SER A 111 -1.31 1.45 -9.88
C SER A 111 -2.38 1.10 -8.80
N ASN A 112 -2.66 2.01 -7.86
CA ASN A 112 -3.68 1.72 -6.86
C ASN A 112 -5.06 2.04 -7.35
N GLU A 113 -5.14 2.91 -8.36
CA GLU A 113 -6.45 3.22 -8.96
C GLU A 113 -6.90 1.96 -9.68
N ALA A 114 -6.01 1.36 -10.47
CA ALA A 114 -6.35 0.13 -11.22
C ALA A 114 -6.75 -0.97 -10.24
N ARG A 115 -5.97 -1.11 -9.17
CA ARG A 115 -6.23 -2.11 -8.14
C ARG A 115 -7.63 -1.94 -7.54
N ALA A 116 -7.99 -0.69 -7.25
CA ALA A 116 -9.29 -0.37 -6.67
C ALA A 116 -10.42 -0.64 -7.69
N LEU A 117 -10.16 -0.30 -8.96
CA LEU A 117 -11.15 -0.54 -10.03
C LEU A 117 -11.40 -2.06 -10.19
N ARG A 118 -10.35 -2.87 -10.07
CA ARG A 118 -10.49 -4.33 -10.17
C ARG A 118 -11.20 -4.94 -8.93
N LEU A 119 -11.11 -4.25 -7.80
CA LEU A 119 -11.85 -4.63 -6.59
C LEU A 119 -13.34 -4.39 -6.85
N LEU A 120 -13.69 -3.20 -7.36
CA LEU A 120 -15.09 -2.86 -7.66
C LEU A 120 -15.61 -3.77 -8.78
N GLU A 121 -14.75 -4.13 -9.73
CA GLU A 121 -15.19 -5.05 -10.80
C GLU A 121 -15.58 -6.41 -10.18
N ALA A 122 -14.70 -6.94 -9.30
CA ALA A 122 -14.94 -8.21 -8.62
C ALA A 122 -16.24 -8.18 -7.81
N ALA A 123 -16.58 -7.01 -7.26
CA ALA A 123 -17.83 -6.88 -6.49
C ALA A 123 -19.07 -6.64 -7.39
N GLY A 124 -18.86 -6.61 -8.71
CA GLY A 124 -19.97 -6.44 -9.63
C GLY A 124 -20.42 -5.05 -9.99
N PHE A 125 -19.67 -4.01 -9.61
CA PHE A 125 -20.09 -2.63 -9.92
C PHE A 125 -19.80 -2.17 -11.33
N ILE A 126 -18.70 -2.64 -11.89
CA ILE A 126 -18.25 -2.19 -13.19
C ILE A 126 -17.52 -3.28 -13.92
N ARG A 127 -17.23 -3.03 -15.19
CA ARG A 127 -16.44 -3.91 -16.03
C ARG A 127 -15.35 -3.10 -16.69
N MET A 128 -14.13 -3.56 -16.55
CA MET A 128 -12.96 -2.89 -17.14
C MET A 128 -12.70 -3.41 -18.58
N ARG A 129 -12.21 -2.51 -19.44
CA ARG A 129 -11.83 -2.83 -20.82
C ARG A 129 -10.75 -3.93 -20.76
N ALA A 130 -10.70 -4.79 -21.77
CA ALA A 130 -9.75 -5.92 -21.83
C ALA A 130 -8.25 -5.68 -21.83
N GLY A 131 -7.75 -4.74 -22.61
CA GLY A 131 -6.32 -4.58 -22.56
C GLY A 131 -5.87 -3.50 -21.60
N SER A 132 -6.60 -3.29 -20.50
CA SER A 132 -6.30 -2.23 -19.52
C SER A 132 -4.91 -2.17 -18.87
N GLY A 133 -4.41 -3.33 -18.43
CA GLY A 133 -3.10 -3.35 -17.83
C GLY A 133 -3.03 -3.00 -16.37
N LEU A 134 -1.82 -3.04 -15.86
CA LEU A 134 -1.54 -2.78 -14.46
C LEU A 134 -1.81 -1.34 -14.00
N PHE A 135 -1.79 -0.38 -14.92
CA PHE A 135 -2.00 1.04 -14.57
C PHE A 135 -3.31 1.65 -15.08
N ALA A 136 -4.31 0.79 -15.24
CA ALA A 136 -5.64 1.17 -15.70
C ALA A 136 -6.27 2.29 -14.85
N THR A 137 -7.05 3.16 -15.50
CA THR A 137 -7.74 4.23 -14.76
C THR A 137 -9.23 4.24 -15.07
N VAL A 138 -9.93 5.23 -14.54
CA VAL A 138 -11.35 5.31 -14.77
C VAL A 138 -11.70 5.37 -16.26
N GLU A 139 -10.79 5.86 -17.10
CA GLU A 139 -11.04 5.98 -18.55
C GLU A 139 -11.13 4.58 -19.20
N ASP A 140 -10.60 3.58 -18.49
CA ASP A 140 -10.64 2.19 -18.97
C ASP A 140 -11.91 1.43 -18.54
N VAL A 141 -12.85 2.11 -17.90
CA VAL A 141 -14.06 1.43 -17.46
C VAL A 141 -14.95 1.20 -18.67
N GLN A 142 -15.22 -0.06 -19.02
CA GLN A 142 -16.06 -0.30 -20.18
C GLN A 142 -17.57 -0.33 -19.91
N GLN A 143 -17.96 -0.66 -18.71
CA GLN A 143 -19.39 -0.71 -18.39
C GLN A 143 -19.63 -0.37 -16.92
N ASN A 144 -20.71 0.36 -16.65
CA ASN A 144 -21.02 0.77 -15.29
C ASN A 144 -22.34 0.13 -14.86
N VAL A 145 -22.25 -1.09 -14.34
CA VAL A 145 -23.39 -1.93 -13.93
C VAL A 145 -24.30 -1.42 -12.80
N ARG A 146 -23.70 -0.88 -11.74
N ARG A 146 -23.69 -0.87 -11.75
CA ARG A 146 -24.48 -0.38 -10.61
CA ARG A 146 -24.44 -0.37 -10.61
C ARG A 146 -24.74 1.13 -10.70
C ARG A 146 -24.67 1.14 -10.67
N ASN A 147 -24.34 1.74 -11.82
CA ASN A 147 -24.52 3.20 -12.03
C ASN A 147 -23.87 4.00 -10.89
N VAL A 148 -22.55 3.90 -10.78
CA VAL A 148 -21.76 4.56 -9.72
C VAL A 148 -20.88 5.70 -10.23
N VAL A 149 -20.67 6.71 -9.39
CA VAL A 149 -19.82 7.84 -9.75
C VAL A 149 -18.48 7.55 -9.07
N LEU A 150 -17.39 7.45 -9.82
CA LEU A 150 -16.06 7.16 -9.27
C LEU A 150 -15.23 8.43 -9.12
N GLN A 151 -14.82 8.76 -7.90
CA GLN A 151 -14.02 9.97 -7.74
C GLN A 151 -12.60 9.65 -7.38
N GLU A 152 -11.65 10.15 -8.17
CA GLU A 152 -10.26 9.91 -7.90
C GLU A 152 -9.81 10.88 -6.80
N VAL A 153 -9.12 10.39 -5.77
CA VAL A 153 -8.70 11.24 -4.66
C VAL A 153 -7.32 10.84 -4.19
N GLU A 154 -6.48 11.79 -3.75
CA GLU A 154 -5.16 11.41 -3.24
C GLU A 154 -5.35 10.39 -2.12
N SER A 155 -4.64 9.28 -2.18
CA SER A 155 -4.84 8.23 -1.17
C SER A 155 -4.89 8.68 0.29
N ALA A 156 -3.93 9.50 0.68
CA ALA A 156 -3.90 9.96 2.06
C ALA A 156 -5.16 10.74 2.50
N LEU A 157 -5.92 11.27 1.54
CA LEU A 157 -7.10 12.07 1.85
C LEU A 157 -8.40 11.30 1.80
N LEU A 158 -8.31 10.03 1.44
N LEU A 158 -8.32 10.02 1.46
CA LEU A 158 -9.51 9.22 1.32
CA LEU A 158 -9.54 9.21 1.34
C LEU A 158 -10.28 9.14 2.63
C LEU A 158 -10.29 9.13 2.66
N PRO A 159 -9.56 8.97 3.78
CA PRO A 159 -10.23 8.91 5.09
C PRO A 159 -10.85 10.29 5.39
N ARG A 160 -10.25 11.37 4.86
CA ARG A 160 -10.81 12.68 5.12
C ARG A 160 -12.13 12.98 4.39
N VAL A 161 -12.35 12.39 3.22
CA VAL A 161 -13.58 12.63 2.48
C VAL A 161 -14.57 11.50 2.72
N PHE A 162 -14.15 10.51 3.51
CA PHE A 162 -14.98 9.33 3.78
C PHE A 162 -16.38 9.64 4.27
N ASP A 163 -16.51 10.60 5.18
CA ASP A 163 -17.82 10.93 5.70
C ASP A 163 -18.68 11.79 4.76
N GLN A 164 -18.14 12.09 3.59
CA GLN A 164 -18.86 12.89 2.62
C GLN A 164 -19.19 12.16 1.29
N VAL A 165 -18.83 10.88 1.21
CA VAL A 165 -19.13 10.09 0.01
C VAL A 165 -19.89 8.83 0.45
N ASP A 166 -20.47 8.10 -0.50
CA ASP A 166 -21.21 6.89 -0.15
C ASP A 166 -20.28 5.74 0.21
N GLY A 167 -19.12 5.67 -0.44
CA GLY A 167 -18.15 4.64 -0.09
C GLY A 167 -16.75 5.06 -0.54
N ALA A 168 -15.72 4.31 -0.13
CA ALA A 168 -14.37 4.62 -0.54
C ALA A 168 -13.53 3.36 -0.48
N VAL A 169 -12.67 3.20 -1.48
CA VAL A 169 -11.72 2.03 -1.53
C VAL A 169 -10.46 2.63 -0.93
N ILE A 170 -10.09 2.19 0.29
CA ILE A 170 -8.98 2.79 1.02
C ILE A 170 -7.81 1.86 1.28
N ASN A 171 -6.59 2.29 0.94
CA ASN A 171 -5.41 1.45 1.21
C ASN A 171 -5.39 1.06 2.70
N GLY A 172 -4.92 -0.14 2.97
CA GLY A 172 -4.89 -0.60 4.36
C GLY A 172 -4.16 0.33 5.32
N ASN A 173 -3.00 0.86 4.93
CA ASN A 173 -2.30 1.71 5.89
C ASN A 173 -3.15 2.90 6.31
N TYR A 174 -3.78 3.56 5.34
CA TYR A 174 -4.59 4.73 5.67
C TYR A 174 -5.89 4.39 6.37
N ALA A 175 -6.44 3.21 6.04
CA ALA A 175 -7.69 2.76 6.67
C ALA A 175 -7.39 2.50 8.17
N ILE A 176 -6.34 1.73 8.44
CA ILE A 176 -5.98 1.37 9.80
C ILE A 176 -5.69 2.62 10.64
N MET A 177 -5.04 3.61 10.03
CA MET A 177 -4.79 4.85 10.74
C MET A 177 -6.07 5.61 11.09
N ALA A 178 -7.14 5.38 10.33
CA ALA A 178 -8.43 6.03 10.55
C ALA A 178 -9.46 5.10 11.31
N GLY A 179 -8.95 4.02 11.87
CA GLY A 179 -9.76 3.10 12.64
C GLY A 179 -10.62 2.12 11.82
N LEU A 180 -10.28 1.90 10.56
CA LEU A 180 -11.06 0.97 9.70
C LEU A 180 -10.29 -0.31 9.45
N SER A 181 -10.99 -1.44 9.61
CA SER A 181 -10.38 -2.77 9.41
C SER A 181 -11.01 -3.41 8.16
N ALA A 182 -10.18 -3.91 7.26
CA ALA A 182 -10.75 -4.50 6.07
C ALA A 182 -11.64 -5.70 6.43
N ARG A 183 -11.33 -6.41 7.52
CA ARG A 183 -12.15 -7.58 7.86
C ARG A 183 -13.39 -7.16 8.61
N ARG A 184 -13.22 -6.31 9.61
CA ARG A 184 -14.36 -5.90 10.42
C ARG A 184 -15.32 -4.91 9.74
N ASP A 185 -14.76 -3.96 9.01
CA ASP A 185 -15.53 -2.90 8.38
C ASP A 185 -15.69 -2.98 6.85
N GLY A 186 -14.82 -3.70 6.17
CA GLY A 186 -14.90 -3.79 4.72
C GLY A 186 -16.18 -4.43 4.22
N LEU A 187 -16.64 -3.99 3.06
CA LEU A 187 -17.85 -4.53 2.48
C LEU A 187 -17.46 -5.42 1.28
N ALA A 188 -16.24 -5.22 0.78
CA ALA A 188 -15.71 -5.98 -0.36
C ALA A 188 -14.20 -5.83 -0.31
N VAL A 189 -13.49 -6.90 -0.69
CA VAL A 189 -12.04 -6.91 -0.65
C VAL A 189 -11.47 -7.20 -2.04
N GLU A 190 -10.26 -6.72 -2.31
CA GLU A 190 -9.63 -6.89 -3.61
C GLU A 190 -9.45 -8.38 -3.86
N PRO A 191 -9.48 -8.78 -5.14
CA PRO A 191 -9.32 -10.20 -5.47
C PRO A 191 -7.93 -10.79 -5.30
N ASP A 192 -6.87 -9.98 -5.34
CA ASP A 192 -5.53 -10.58 -5.20
C ASP A 192 -4.54 -9.76 -4.42
N ALA A 193 -4.77 -9.67 -3.12
CA ALA A 193 -3.88 -8.88 -2.26
C ALA A 193 -2.43 -9.37 -2.26
N SER A 194 -2.19 -10.66 -2.44
CA SER A 194 -0.80 -11.08 -2.41
C SER A 194 0.05 -10.47 -3.53
N ALA A 195 -0.56 -10.15 -4.68
CA ALA A 195 0.18 -9.51 -5.79
C ALA A 195 0.66 -8.08 -5.40
N TYR A 196 -0.01 -7.51 -4.41
CA TYR A 196 0.30 -6.16 -3.98
C TYR A 196 1.04 -6.14 -2.66
N ALA A 197 1.82 -7.20 -2.42
CA ALA A 197 2.67 -7.28 -1.20
C ALA A 197 3.61 -6.07 -1.19
N ASN A 198 3.79 -5.50 0.00
CA ASN A 198 4.66 -4.34 0.21
C ASN A 198 6.08 -4.86 0.33
N VAL A 199 7.00 -4.13 -0.30
CA VAL A 199 8.38 -4.58 -0.39
C VAL A 199 9.41 -3.56 0.11
N LEU A 200 10.60 -4.08 0.42
CA LEU A 200 11.70 -3.24 0.86
C LEU A 200 12.37 -2.90 -0.47
N VAL A 201 12.60 -1.62 -0.74
CA VAL A 201 13.14 -1.19 -2.04
C VAL A 201 14.46 -0.45 -1.99
N VAL A 202 15.34 -0.75 -2.95
CA VAL A 202 16.64 -0.05 -3.02
C VAL A 202 16.96 0.27 -4.48
N LYS A 203 18.04 1.02 -4.69
CA LYS A 203 18.44 1.33 -6.05
C LYS A 203 19.11 0.07 -6.61
N ARG A 204 18.94 -0.21 -7.91
CA ARG A 204 19.56 -1.39 -8.50
C ARG A 204 21.06 -1.22 -8.27
N GLY A 205 21.70 -2.27 -7.77
CA GLY A 205 23.11 -2.20 -7.52
C GLY A 205 23.36 -2.30 -6.03
N ASN A 206 22.32 -2.09 -5.21
CA ASN A 206 22.46 -2.17 -3.75
C ASN A 206 21.73 -3.35 -3.11
N GLU A 207 21.15 -4.23 -3.94
CA GLU A 207 20.40 -5.40 -3.40
C GLU A 207 21.17 -6.29 -2.45
N ALA A 208 22.47 -6.46 -2.72
CA ALA A 208 23.34 -7.30 -1.90
C ALA A 208 23.98 -6.57 -0.70
N ASP A 209 23.82 -5.24 -0.65
CA ASP A 209 24.37 -4.47 0.46
C ASP A 209 24.03 -5.29 1.69
N ALA A 210 25.02 -5.53 2.53
CA ALA A 210 24.84 -6.34 3.72
C ALA A 210 23.89 -5.74 4.74
N ARG A 211 23.83 -4.40 4.79
CA ARG A 211 22.93 -3.75 5.75
C ARG A 211 21.48 -3.91 5.26
N VAL A 212 21.30 -3.79 3.96
CA VAL A 212 19.97 -3.93 3.33
C VAL A 212 19.52 -5.36 3.62
N GLN A 213 20.37 -6.34 3.33
CA GLN A 213 19.98 -7.73 3.59
C GLN A 213 19.62 -7.95 5.06
N ALA A 214 20.29 -7.28 6.00
CA ALA A 214 19.95 -7.48 7.42
C ALA A 214 18.60 -6.88 7.80
N VAL A 215 18.28 -5.77 7.16
CA VAL A 215 17.01 -5.14 7.45
C VAL A 215 15.93 -6.05 6.90
N LEU A 216 16.17 -6.57 5.70
CA LEU A 216 15.19 -7.48 5.07
C LEU A 216 14.95 -8.70 5.94
N ARG A 217 16.03 -9.30 6.46
CA ARG A 217 15.89 -10.51 7.27
C ARG A 217 15.09 -10.20 8.50
N ALA A 218 15.30 -9.01 9.04
CA ALA A 218 14.59 -8.61 10.25
C ALA A 218 13.11 -8.33 9.96
N LEU A 219 12.84 -7.77 8.78
CA LEU A 219 11.44 -7.46 8.48
C LEU A 219 10.66 -8.75 8.20
N CYS A 220 11.36 -9.76 7.72
CA CYS A 220 10.69 -11.03 7.41
C CYS A 220 10.85 -12.09 8.48
N GLY A 221 11.39 -11.68 9.62
CA GLY A 221 11.65 -12.63 10.67
C GLY A 221 10.51 -12.99 11.59
N GLY A 222 10.78 -14.03 12.38
CA GLY A 222 9.80 -14.52 13.35
C GLY A 222 9.21 -13.48 14.28
N ARG A 223 10.01 -12.54 14.75
CA ARG A 223 9.48 -11.51 15.64
C ARG A 223 8.46 -10.57 14.93
N VAL A 224 8.74 -10.23 13.67
CA VAL A 224 7.80 -9.36 12.97
C VAL A 224 6.55 -10.16 12.65
N ARG A 225 6.74 -11.37 12.14
CA ARG A 225 5.61 -12.26 11.81
C ARG A 225 4.72 -12.46 13.03
N THR A 226 5.36 -12.60 14.18
CA THR A 226 4.64 -12.81 15.43
C THR A 226 3.88 -11.57 15.76
N TYR A 227 4.54 -10.42 15.66
CA TYR A 227 3.88 -9.13 15.93
C TYR A 227 2.63 -8.88 15.04
N LEU A 228 2.76 -9.16 13.76
CA LEU A 228 1.65 -8.91 12.84
C LEU A 228 0.44 -9.76 13.16
N LYS A 229 0.65 -11.08 13.25
CA LYS A 229 -0.42 -12.02 13.55
C LYS A 229 -1.15 -11.65 14.82
N GLU A 230 -0.42 -11.12 15.79
CA GLU A 230 -1.05 -10.76 17.06
C GLU A 230 -1.76 -9.41 17.08
N ARG A 231 -1.22 -8.43 16.38
CA ARG A 231 -1.83 -7.09 16.39
C ARG A 231 -2.96 -6.92 15.37
N TYR A 232 -2.91 -7.67 14.29
CA TYR A 232 -3.93 -7.57 13.23
C TYR A 232 -4.56 -8.94 13.04
N LYS A 233 -5.48 -9.24 13.96
CA LYS A 233 -6.14 -10.55 13.98
C LYS A 233 -7.09 -10.77 12.82
N GLY A 234 -7.41 -9.70 12.10
CA GLY A 234 -8.31 -9.88 10.98
C GLY A 234 -7.50 -10.06 9.73
N GLY A 235 -6.17 -10.06 9.87
CA GLY A 235 -5.32 -10.18 8.72
C GLY A 235 -5.23 -8.83 7.98
N GLU A 236 -5.50 -7.72 8.67
CA GLU A 236 -5.44 -6.41 8.05
C GLU A 236 -4.03 -6.16 7.50
N VAL A 237 -3.01 -6.62 8.22
CA VAL A 237 -1.62 -6.54 7.80
C VAL A 237 -1.11 -7.96 8.12
N ALA A 238 -0.59 -8.68 7.13
CA ALA A 238 -0.15 -10.05 7.37
C ALA A 238 1.17 -10.36 6.67
N PRO A 239 2.03 -11.18 7.30
CA PRO A 239 3.32 -11.55 6.70
C PRO A 239 3.12 -12.07 5.26
N ALA A 240 4.02 -11.72 4.35
CA ALA A 240 3.92 -12.15 2.98
C ALA A 240 4.54 -13.53 2.76
#